data_1DAF
#
_entry.id   1DAF
#
_cell.length_a   73.200
_cell.length_b   49.200
_cell.length_c   61.800
_cell.angle_alpha   90.00
_cell.angle_beta   107.10
_cell.angle_gamma   90.00
#
_symmetry.space_group_name_H-M   'C 1 2 1'
#
loop_
_entity.id
_entity.type
_entity.pdbx_description
1 polymer 'DETHIOBIOTIN SYNTHETASE'
2 non-polymer 'CALCIUM ION'
3 non-polymer '7-(CARBOXYAMINO)-8-AMINO-NONANOIC ACID'
4 non-polymer "ADENOSINE-5'-DIPHOSPHATE"
5 water water
#
_entity_poly.entity_id   1
_entity_poly.type   'polypeptide(L)'
_entity_poly.pdbx_seq_one_letter_code
;SKRYFVTGTDTEVGKTVASCALLQAAKAAGYRTAGYKPVASGSEKTPEGLRNSDALALQRNSSLQLDYATVNPYTFAEPT
SPHIISAQEGRPIESLVMSAGLRALEQQADWVLVEGAGGWFTPLSDTFTFADWVTQEQLPVILVVGVKLGCINHAMLTAQ
VIQHAGLTLAGWVANDVTPPGKRHAEYMTTLTRMIPAPLLGEIPWLAENPENAATGKYINLALL
;
_entity_poly.pdbx_strand_id   A
#
loop_
_chem_comp.id
_chem_comp.type
_chem_comp.name
_chem_comp.formula
ADP non-polymer ADENOSINE-5'-DIPHOSPHATE 'C10 H15 N5 O10 P2'
CA non-polymer 'CALCIUM ION' 'Ca 2'
DSD non-polymer '7-(CARBOXYAMINO)-8-AMINO-NONANOIC ACID' 'C10 H20 N2 O4'
#
# COMPACT_ATOMS: atom_id res chain seq x y z
N SER A 1 -16.46 -1.48 8.87
CA SER A 1 -15.59 -0.66 8.05
C SER A 1 -15.28 -1.34 6.72
N LYS A 2 -15.16 -0.50 5.68
CA LYS A 2 -14.56 -0.92 4.42
C LYS A 2 -13.07 -1.06 4.72
N ARG A 3 -12.46 -2.11 4.22
CA ARG A 3 -11.06 -2.36 4.49
C ARG A 3 -10.44 -2.76 3.16
N TYR A 4 -9.26 -2.23 2.83
CA TYR A 4 -8.57 -2.63 1.58
C TYR A 4 -7.08 -2.79 1.87
N PHE A 5 -6.41 -3.75 1.23
CA PHE A 5 -4.96 -3.89 1.38
C PHE A 5 -4.30 -3.38 0.10
N VAL A 6 -3.25 -2.56 0.16
CA VAL A 6 -2.62 -2.11 -1.04
C VAL A 6 -1.24 -2.78 -1.21
N THR A 7 -1.06 -3.44 -2.35
CA THR A 7 0.24 -4.04 -2.66
C THR A 7 0.81 -3.40 -3.93
N GLY A 8 2.06 -3.74 -4.26
CA GLY A 8 2.72 -3.18 -5.45
C GLY A 8 3.40 -4.26 -6.29
N THR A 9 3.72 -3.96 -7.56
CA THR A 9 4.48 -4.88 -8.40
C THR A 9 5.94 -5.05 -7.97
N ASP A 10 6.44 -4.16 -7.09
CA ASP A 10 7.79 -4.16 -6.55
C ASP A 10 7.85 -3.10 -5.45
N THR A 11 8.98 -3.00 -4.73
CA THR A 11 9.28 -1.89 -3.86
C THR A 11 9.56 -0.66 -4.77
N GLU A 12 9.34 0.56 -4.23
CA GLU A 12 9.55 1.82 -4.92
C GLU A 12 8.87 1.94 -6.31
N VAL A 13 7.58 1.54 -6.32
CA VAL A 13 6.77 1.72 -7.53
C VAL A 13 5.70 2.81 -7.32
N GLY A 14 5.63 3.42 -6.13
CA GLY A 14 4.60 4.41 -5.82
C GLY A 14 3.42 3.85 -5.01
N LYS A 15 3.49 2.72 -4.25
CA LYS A 15 2.42 2.28 -3.36
C LYS A 15 2.00 3.39 -2.37
N THR A 16 2.96 4.13 -1.79
CA THR A 16 2.60 5.18 -0.87
C THR A 16 1.93 6.35 -1.57
N VAL A 17 2.42 6.74 -2.76
CA VAL A 17 1.83 7.86 -3.51
C VAL A 17 0.41 7.49 -3.90
N ALA A 18 0.21 6.25 -4.39
CA ALA A 18 -1.13 5.84 -4.75
C ALA A 18 -2.06 5.72 -3.52
N SER A 19 -1.60 5.29 -2.36
CA SER A 19 -2.38 5.20 -1.13
C SER A 19 -2.86 6.58 -0.67
N CYS A 20 -2.03 7.63 -0.81
CA CYS A 20 -2.38 8.99 -0.46
C CYS A 20 -3.46 9.47 -1.43
N ALA A 21 -3.38 9.12 -2.73
CA ALA A 21 -4.44 9.45 -3.68
C ALA A 21 -5.74 8.75 -3.31
N LEU A 22 -5.70 7.46 -2.93
CA LEU A 22 -6.89 6.74 -2.54
C LEU A 22 -7.54 7.33 -1.29
N LEU A 23 -6.72 7.74 -0.30
CA LEU A 23 -7.21 8.31 0.94
C LEU A 23 -7.88 9.66 0.70
N GLN A 24 -7.26 10.45 -0.18
CA GLN A 24 -7.80 11.76 -0.56
C GLN A 24 -9.15 11.58 -1.25
N ALA A 25 -9.29 10.63 -2.17
CA ALA A 25 -10.59 10.39 -2.80
C ALA A 25 -11.68 9.92 -1.81
N ALA A 26 -11.30 9.08 -0.82
CA ALA A 26 -12.26 8.55 0.14
C ALA A 26 -12.76 9.65 1.07
N LYS A 27 -11.89 10.57 1.49
CA LYS A 27 -12.22 11.71 2.32
C LYS A 27 -13.18 12.56 1.50
N ALA A 28 -12.90 12.75 0.20
CA ALA A 28 -13.79 13.56 -0.64
C ALA A 28 -15.17 12.91 -0.79
N ALA A 29 -15.24 11.58 -0.72
CA ALA A 29 -16.50 10.90 -0.70
C ALA A 29 -17.25 10.96 0.64
N GLY A 30 -16.63 11.44 1.72
CA GLY A 30 -17.31 11.62 3.00
C GLY A 30 -17.00 10.56 4.06
N TYR A 31 -16.02 9.70 3.73
CA TYR A 31 -15.62 8.72 4.72
C TYR A 31 -14.69 9.29 5.80
N ARG A 32 -14.77 8.65 6.99
CA ARG A 32 -13.82 8.87 8.09
C ARG A 32 -12.66 7.88 7.84
N THR A 33 -11.55 8.40 7.35
CA THR A 33 -10.44 7.56 6.90
C THR A 33 -9.26 7.38 7.80
N ALA A 34 -8.58 6.25 7.63
CA ALA A 34 -7.36 5.95 8.39
C ALA A 34 -6.48 5.11 7.48
N GLY A 35 -5.22 5.52 7.43
CA GLY A 35 -4.17 4.74 6.75
C GLY A 35 -3.42 3.91 7.82
N TYR A 36 -2.97 2.71 7.44
CA TYR A 36 -2.35 1.80 8.39
C TYR A 36 -1.15 1.17 7.67
N LYS A 37 0.08 1.33 8.15
CA LYS A 37 1.24 0.68 7.56
C LYS A 37 1.77 -0.14 8.74
N PRO A 38 1.34 -1.39 8.99
CA PRO A 38 1.72 -2.07 10.23
C PRO A 38 3.23 -2.33 10.40
N VAL A 39 3.93 -2.57 9.28
CA VAL A 39 5.39 -2.79 9.30
C VAL A 39 6.08 -1.80 8.35
N ALA A 40 7.16 -1.16 8.81
CA ALA A 40 7.90 -0.24 7.97
C ALA A 40 9.40 -0.38 8.23
N SER A 41 10.24 -0.32 7.19
CA SER A 41 11.67 -0.38 7.38
C SER A 41 12.21 0.78 6.53
N GLY A 42 13.25 1.47 7.05
CA GLY A 42 13.76 2.64 6.36
C GLY A 42 13.18 3.86 7.07
N SER A 43 13.78 4.19 8.22
CA SER A 43 13.26 5.24 9.09
C SER A 43 14.32 6.15 9.73
N GLU A 44 13.92 7.39 10.05
CA GLU A 44 14.78 8.41 10.61
C GLU A 44 14.70 8.53 12.13
N LYS A 45 15.77 8.99 12.82
CA LYS A 45 15.75 9.22 14.24
C LYS A 45 15.10 10.58 14.55
N THR A 46 14.25 10.66 15.58
CA THR A 46 13.73 11.94 16.06
C THR A 46 13.72 11.90 17.61
N PRO A 47 13.40 12.99 18.35
CA PRO A 47 13.20 12.92 19.80
C PRO A 47 12.19 11.92 20.32
N GLU A 48 11.25 11.58 19.44
CA GLU A 48 10.22 10.67 19.87
C GLU A 48 10.42 9.21 19.52
N GLY A 49 11.54 8.87 18.90
CA GLY A 49 11.71 7.51 18.38
C GLY A 49 11.83 7.59 16.86
N LEU A 50 11.91 6.41 16.26
CA LEU A 50 12.07 6.28 14.84
C LEU A 50 10.76 6.60 14.15
N ARG A 51 10.87 7.27 13.00
CA ARG A 51 9.71 7.65 12.20
C ARG A 51 10.02 7.33 10.74
N ASN A 52 9.07 6.69 10.09
CA ASN A 52 9.16 6.30 8.68
C ASN A 52 8.38 7.31 7.83
N SER A 53 8.92 7.79 6.71
CA SER A 53 8.32 8.78 5.83
C SER A 53 7.02 8.33 5.17
N ASP A 54 6.89 7.02 4.82
CA ASP A 54 5.66 6.53 4.20
C ASP A 54 4.48 6.47 5.18
N ALA A 55 4.79 6.03 6.41
CA ALA A 55 3.81 6.07 7.50
C ALA A 55 3.39 7.49 7.85
N LEU A 56 4.35 8.46 7.84
CA LEU A 56 4.02 9.87 8.05
C LEU A 56 3.13 10.39 6.93
N ALA A 57 3.36 9.94 5.68
CA ALA A 57 2.50 10.37 4.58
C ALA A 57 1.04 9.88 4.76
N LEU A 58 0.90 8.65 5.29
CA LEU A 58 -0.42 8.06 5.51
C LEU A 58 -1.10 8.76 6.67
N GLN A 59 -0.33 9.08 7.72
CA GLN A 59 -0.87 9.76 8.88
C GLN A 59 -1.39 11.13 8.47
N ARG A 60 -0.65 11.93 7.71
CA ARG A 60 -1.15 13.24 7.37
C ARG A 60 -2.20 13.25 6.27
N ASN A 61 -2.37 12.16 5.51
CA ASN A 61 -3.45 12.11 4.54
C ASN A 61 -4.70 11.44 5.09
N SER A 62 -4.73 10.95 6.33
CA SER A 62 -5.93 10.39 6.94
C SER A 62 -6.88 11.49 7.40
N SER A 63 -8.21 11.32 7.48
CA SER A 63 -9.03 12.46 7.88
C SER A 63 -9.07 12.62 9.39
N LEU A 64 -8.89 11.52 10.09
CA LEU A 64 -8.83 11.57 11.56
C LEU A 64 -7.45 11.99 12.08
N GLN A 65 -7.36 12.64 13.24
CA GLN A 65 -6.06 12.92 13.83
C GLN A 65 -5.62 11.64 14.53
N LEU A 66 -4.53 11.06 14.07
CA LEU A 66 -4.09 9.78 14.59
C LEU A 66 -2.68 9.84 15.13
N ASP A 67 -2.40 9.08 16.17
CA ASP A 67 -1.06 8.99 16.73
C ASP A 67 -0.20 8.14 15.83
N TYR A 68 1.10 8.47 15.77
CA TYR A 68 1.99 7.72 14.91
C TYR A 68 1.97 6.21 15.17
N ALA A 69 2.06 5.72 16.43
CA ALA A 69 2.12 4.28 16.67
C ALA A 69 0.87 3.52 16.28
N THR A 70 -0.25 4.24 16.19
CA THR A 70 -1.50 3.64 15.76
C THR A 70 -1.43 3.37 14.24
N VAL A 71 -0.74 4.25 13.51
CA VAL A 71 -0.58 4.11 12.05
C VAL A 71 0.52 3.10 11.77
N ASN A 72 1.58 3.10 12.59
CA ASN A 72 2.69 2.21 12.31
C ASN A 72 3.31 1.61 13.56
N PRO A 73 2.79 0.48 14.04
CA PRO A 73 3.31 -0.14 15.25
C PRO A 73 4.72 -0.68 15.21
N TYR A 74 5.18 -1.14 14.04
CA TYR A 74 6.52 -1.71 13.88
C TYR A 74 7.36 -0.83 12.95
N THR A 75 8.35 -0.16 13.53
CA THR A 75 9.22 0.79 12.82
C THR A 75 10.67 0.33 12.94
N PHE A 76 11.34 0.13 11.79
CA PHE A 76 12.73 -0.30 11.78
C PHE A 76 13.56 0.72 11.01
N ALA A 77 14.80 0.98 11.46
CA ALA A 77 15.60 2.03 10.86
C ALA A 77 16.17 1.66 9.49
N GLU A 78 16.68 0.43 9.35
CA GLU A 78 17.36 0.02 8.13
C GLU A 78 16.40 -0.30 6.97
N PRO A 79 16.59 0.19 5.75
CA PRO A 79 15.73 -0.11 4.61
C PRO A 79 15.94 -1.50 3.98
N THR A 80 15.61 -2.57 4.71
CA THR A 80 15.79 -3.91 4.17
C THR A 80 14.53 -4.71 4.42
N SER A 81 14.53 -6.01 4.09
CA SER A 81 13.41 -6.88 4.36
C SER A 81 13.14 -6.95 5.89
N PRO A 82 11.87 -6.77 6.34
CA PRO A 82 11.49 -6.74 7.76
C PRO A 82 11.95 -7.96 8.53
N HIS A 83 11.93 -9.17 7.91
CA HIS A 83 12.29 -10.36 8.68
C HIS A 83 13.77 -10.34 9.07
N ILE A 84 14.64 -9.68 8.31
CA ILE A 84 16.07 -9.70 8.62
C ILE A 84 16.30 -8.80 9.84
N ILE A 85 15.81 -7.55 9.75
CA ILE A 85 16.04 -6.62 10.85
C ILE A 85 15.24 -6.97 12.12
N SER A 86 14.04 -7.56 12.04
CA SER A 86 13.30 -8.04 13.19
C SER A 86 14.15 -9.04 13.98
N ALA A 87 14.73 -10.05 13.28
CA ALA A 87 15.59 -11.07 13.90
C ALA A 87 16.84 -10.43 14.50
N GLN A 88 17.44 -9.49 13.79
CA GLN A 88 18.67 -8.85 14.24
C GLN A 88 18.47 -8.06 15.55
N GLU A 89 17.31 -7.43 15.65
CA GLU A 89 17.00 -6.59 16.80
C GLU A 89 16.37 -7.28 18.00
N GLY A 90 15.92 -8.51 17.77
CA GLY A 90 15.20 -9.25 18.79
C GLY A 90 13.80 -8.70 18.99
N ARG A 91 13.13 -8.17 17.94
CA ARG A 91 11.75 -7.71 18.09
C ARG A 91 10.84 -8.48 17.11
N PRO A 92 10.21 -9.58 17.54
CA PRO A 92 9.28 -10.37 16.69
C PRO A 92 8.12 -9.57 16.07
N ILE A 93 7.76 -9.82 14.81
CA ILE A 93 6.59 -9.17 14.24
C ILE A 93 5.47 -10.18 14.43
N GLU A 94 4.57 -9.79 15.34
CA GLU A 94 3.48 -10.66 15.69
C GLU A 94 2.17 -10.39 14.96
N SER A 95 1.61 -11.44 14.40
CA SER A 95 0.34 -11.39 13.69
C SER A 95 -0.78 -10.84 14.55
N LEU A 96 -0.80 -11.19 15.84
CA LEU A 96 -1.81 -10.72 16.77
C LEU A 96 -1.73 -9.22 16.97
N VAL A 97 -0.53 -8.65 17.03
CA VAL A 97 -0.36 -7.23 17.19
C VAL A 97 -0.80 -6.46 15.92
N MET A 98 -0.41 -6.98 14.73
CA MET A 98 -0.85 -6.36 13.47
C MET A 98 -2.39 -6.37 13.35
N SER A 99 -3.06 -7.47 13.70
CA SER A 99 -4.51 -7.57 13.67
C SER A 99 -5.16 -6.69 14.71
N ALA A 100 -4.61 -6.57 15.91
CA ALA A 100 -5.17 -5.73 16.96
C ALA A 100 -5.13 -4.28 16.51
N GLY A 101 -4.06 -3.86 15.85
CA GLY A 101 -3.95 -2.51 15.37
C GLY A 101 -5.03 -2.17 14.35
N LEU A 102 -5.35 -3.11 13.43
CA LEU A 102 -6.41 -2.93 12.46
C LEU A 102 -7.75 -2.76 13.18
N ARG A 103 -8.01 -3.57 14.23
CA ARG A 103 -9.28 -3.46 14.96
C ARG A 103 -9.40 -2.13 15.66
N ALA A 104 -8.30 -1.63 16.22
CA ALA A 104 -8.25 -0.36 16.92
C ALA A 104 -8.62 0.77 15.96
N LEU A 105 -8.17 0.72 14.69
CA LEU A 105 -8.56 1.76 13.75
C LEU A 105 -10.03 1.73 13.34
N GLU A 106 -10.59 0.53 13.22
CA GLU A 106 -12.00 0.32 12.93
C GLU A 106 -12.94 0.84 14.03
N GLN A 107 -12.43 1.21 15.21
CA GLN A 107 -13.22 1.84 16.25
C GLN A 107 -13.49 3.30 15.91
N GLN A 108 -12.61 3.90 15.13
CA GLN A 108 -12.76 5.29 14.81
C GLN A 108 -12.99 5.57 13.34
N ALA A 109 -12.59 4.69 12.45
CA ALA A 109 -12.73 4.95 11.04
C ALA A 109 -13.68 4.02 10.32
N ASP A 110 -14.37 4.49 9.29
CA ASP A 110 -15.19 3.57 8.55
C ASP A 110 -14.60 3.22 7.17
N TRP A 111 -13.42 3.74 6.84
CA TRP A 111 -12.73 3.40 5.58
C TRP A 111 -11.25 3.30 5.95
N VAL A 112 -10.69 2.07 5.95
CA VAL A 112 -9.31 1.85 6.36
C VAL A 112 -8.51 1.24 5.18
N LEU A 113 -7.37 1.86 4.92
CA LEU A 113 -6.48 1.41 3.88
C LEU A 113 -5.23 0.87 4.59
N VAL A 114 -4.91 -0.39 4.31
CA VAL A 114 -3.75 -1.03 4.89
C VAL A 114 -2.66 -1.14 3.80
N GLU A 115 -1.48 -0.57 4.04
CA GLU A 115 -0.41 -0.56 3.05
C GLU A 115 0.63 -1.60 3.46
N GLY A 116 1.04 -2.45 2.52
CA GLY A 116 2.07 -3.43 2.83
C GLY A 116 3.47 -2.79 2.78
N ALA A 117 4.50 -3.67 2.88
CA ALA A 117 5.88 -3.23 2.77
C ALA A 117 6.44 -4.04 1.59
N GLY A 118 7.15 -3.43 0.65
CA GLY A 118 7.60 -4.14 -0.54
C GLY A 118 6.45 -4.70 -1.39
N GLY A 119 6.63 -5.82 -2.07
CA GLY A 119 5.62 -6.49 -2.88
C GLY A 119 4.86 -7.53 -2.06
N TRP A 120 4.25 -8.48 -2.81
CA TRP A 120 3.30 -9.41 -2.21
C TRP A 120 3.89 -10.36 -1.19
N PHE A 121 5.02 -10.97 -1.51
CA PHE A 121 5.60 -12.01 -0.69
C PHE A 121 6.65 -11.58 0.32
N THR A 122 6.71 -10.30 0.73
CA THR A 122 7.68 -9.82 1.70
C THR A 122 7.65 -10.64 3.01
N PRO A 123 8.74 -11.34 3.42
CA PRO A 123 8.80 -12.12 4.62
C PRO A 123 8.73 -11.24 5.88
N LEU A 124 7.93 -11.70 6.86
CA LEU A 124 7.88 -11.04 8.17
C LEU A 124 8.64 -11.83 9.23
N SER A 125 8.74 -13.16 9.03
CA SER A 125 9.60 -13.99 9.85
C SER A 125 10.11 -15.09 8.91
N ASP A 126 10.85 -16.09 9.43
CA ASP A 126 11.27 -17.21 8.60
C ASP A 126 10.17 -18.16 8.22
N THR A 127 8.98 -18.11 8.86
CA THR A 127 7.88 -18.99 8.50
C THR A 127 6.60 -18.22 8.14
N PHE A 128 6.67 -16.88 8.04
CA PHE A 128 5.47 -16.10 7.81
C PHE A 128 5.72 -14.93 6.88
N THR A 129 4.90 -14.80 5.83
CA THR A 129 5.06 -13.70 4.90
C THR A 129 3.88 -12.73 5.07
N PHE A 130 3.96 -11.55 4.44
CA PHE A 130 2.87 -10.60 4.53
C PHE A 130 1.61 -11.18 3.90
N ALA A 131 1.75 -11.94 2.80
CA ALA A 131 0.62 -12.59 2.15
C ALA A 131 -0.17 -13.52 3.09
N ASP A 132 0.50 -14.20 4.03
CA ASP A 132 -0.19 -15.04 4.99
C ASP A 132 -1.12 -14.24 5.87
N TRP A 133 -0.66 -13.06 6.29
CA TRP A 133 -1.50 -12.23 7.15
C TRP A 133 -2.72 -11.69 6.36
N VAL A 134 -2.51 -11.24 5.12
CA VAL A 134 -3.60 -10.72 4.28
C VAL A 134 -4.65 -11.82 4.06
N THR A 135 -4.22 -13.07 3.87
CA THR A 135 -5.12 -14.19 3.67
C THR A 135 -5.93 -14.51 4.92
N GLN A 136 -5.26 -14.45 6.07
CA GLN A 136 -5.85 -14.68 7.38
C GLN A 136 -6.98 -13.68 7.59
N GLU A 137 -6.66 -12.42 7.28
CA GLU A 137 -7.62 -11.36 7.45
C GLU A 137 -8.65 -11.26 6.33
N GLN A 138 -8.47 -11.97 5.21
CA GLN A 138 -9.39 -11.94 4.09
C GLN A 138 -9.72 -10.54 3.54
N LEU A 139 -8.66 -9.74 3.44
CA LEU A 139 -8.73 -8.38 2.94
C LEU A 139 -8.82 -8.35 1.41
N PRO A 140 -9.70 -7.54 0.76
CA PRO A 140 -9.62 -7.35 -0.69
C PRO A 140 -8.37 -6.52 -1.02
N VAL A 141 -7.80 -6.79 -2.19
CA VAL A 141 -6.47 -6.28 -2.55
C VAL A 141 -6.49 -5.35 -3.75
N ILE A 142 -5.78 -4.23 -3.61
CA ILE A 142 -5.63 -3.26 -4.69
C ILE A 142 -4.16 -3.38 -5.15
N LEU A 143 -3.92 -3.56 -6.44
CA LEU A 143 -2.56 -3.68 -6.93
C LEU A 143 -2.04 -2.36 -7.53
N VAL A 144 -0.94 -1.77 -7.05
CA VAL A 144 -0.39 -0.60 -7.69
C VAL A 144 0.70 -1.04 -8.69
N VAL A 145 0.56 -0.59 -9.94
CA VAL A 145 1.52 -0.93 -10.99
C VAL A 145 2.36 0.29 -11.37
N GLY A 146 3.68 0.27 -11.17
CA GLY A 146 4.54 1.36 -11.63
C GLY A 146 4.71 1.13 -13.13
N VAL A 147 4.32 2.05 -14.01
CA VAL A 147 4.42 1.75 -15.41
C VAL A 147 5.83 1.98 -15.98
N LYS A 148 6.44 0.85 -16.31
CA LYS A 148 7.81 0.81 -16.82
C LYS A 148 8.09 -0.51 -17.51
N LEU A 149 9.14 -0.65 -18.33
CA LEU A 149 9.43 -1.90 -19.01
C LEU A 149 9.62 -3.03 -17.95
N GLY A 150 8.92 -4.14 -18.14
CA GLY A 150 8.95 -5.23 -17.16
C GLY A 150 7.70 -5.28 -16.26
N CYS A 151 6.83 -4.24 -16.27
CA CYS A 151 5.70 -4.25 -15.37
C CYS A 151 4.58 -5.17 -15.82
N ILE A 152 4.45 -5.60 -17.12
CA ILE A 152 3.36 -6.51 -17.49
C ILE A 152 3.52 -7.87 -16.80
N ASN A 153 4.77 -8.34 -16.85
CA ASN A 153 5.13 -9.60 -16.21
C ASN A 153 4.88 -9.53 -14.69
N HIS A 154 5.36 -8.49 -14.01
CA HIS A 154 5.16 -8.42 -12.55
C HIS A 154 3.69 -8.20 -12.21
N ALA A 155 2.89 -7.50 -13.03
CA ALA A 155 1.47 -7.33 -12.71
C ALA A 155 0.71 -8.65 -12.86
N MET A 156 1.04 -9.42 -13.91
CA MET A 156 0.36 -10.69 -14.11
C MET A 156 0.75 -11.76 -13.07
N LEU A 157 2.01 -11.81 -12.64
CA LEU A 157 2.45 -12.73 -11.59
C LEU A 157 1.70 -12.45 -10.30
N THR A 158 1.62 -11.17 -9.90
CA THR A 158 0.97 -10.83 -8.63
C THR A 158 -0.55 -11.11 -8.70
N ALA A 159 -1.22 -10.75 -9.82
CA ALA A 159 -2.63 -11.04 -9.99
C ALA A 159 -2.97 -12.54 -9.87
N GLN A 160 -2.20 -13.43 -10.54
CA GLN A 160 -2.46 -14.86 -10.47
C GLN A 160 -2.33 -15.43 -9.10
N VAL A 161 -1.29 -14.97 -8.39
CA VAL A 161 -1.05 -15.49 -7.07
C VAL A 161 -2.13 -15.10 -6.05
N ILE A 162 -2.64 -13.87 -6.12
CA ILE A 162 -3.71 -13.42 -5.22
C ILE A 162 -4.97 -14.25 -5.47
N GLN A 163 -5.27 -14.48 -6.76
CA GLN A 163 -6.46 -15.21 -7.13
C GLN A 163 -6.35 -16.64 -6.71
N HIS A 164 -5.18 -17.28 -6.85
CA HIS A 164 -5.03 -18.65 -6.37
C HIS A 164 -5.14 -18.81 -4.83
N ALA A 165 -4.84 -17.75 -4.06
CA ALA A 165 -5.05 -17.77 -2.64
C ALA A 165 -6.53 -17.61 -2.27
N GLY A 166 -7.43 -17.42 -3.23
CA GLY A 166 -8.85 -17.28 -2.99
C GLY A 166 -9.22 -15.87 -2.55
N LEU A 167 -8.32 -14.89 -2.68
CA LEU A 167 -8.63 -13.52 -2.33
C LEU A 167 -9.22 -12.75 -3.47
N THR A 168 -9.87 -11.63 -3.20
CA THR A 168 -10.44 -10.78 -4.22
C THR A 168 -9.45 -9.70 -4.63
N LEU A 169 -9.21 -9.55 -5.92
CA LEU A 169 -8.47 -8.43 -6.46
C LEU A 169 -9.55 -7.38 -6.82
N ALA A 170 -9.67 -6.36 -5.97
CA ALA A 170 -10.66 -5.29 -6.11
C ALA A 170 -10.31 -4.34 -7.23
N GLY A 171 -9.05 -4.14 -7.57
CA GLY A 171 -8.73 -3.27 -8.68
C GLY A 171 -7.26 -2.99 -8.76
N TRP A 172 -6.87 -2.18 -9.76
CA TRP A 172 -5.49 -1.81 -9.92
C TRP A 172 -5.33 -0.31 -10.20
N VAL A 173 -4.16 0.25 -9.89
CA VAL A 173 -3.89 1.67 -10.11
C VAL A 173 -2.61 1.78 -10.97
N ALA A 174 -2.62 2.57 -12.05
CA ALA A 174 -1.40 2.77 -12.83
C ALA A 174 -0.68 4.03 -12.31
N ASN A 175 0.59 3.89 -11.97
CA ASN A 175 1.34 5.02 -11.47
C ASN A 175 2.51 5.37 -12.39
N ASP A 176 2.61 6.61 -12.87
CA ASP A 176 3.64 6.96 -13.81
C ASP A 176 4.89 7.44 -13.11
N VAL A 177 5.79 6.49 -12.91
CA VAL A 177 7.04 6.77 -12.21
C VAL A 177 8.07 7.56 -13.04
N THR A 178 7.99 7.45 -14.38
CA THR A 178 8.83 8.23 -15.28
C THR A 178 8.03 9.23 -16.14
N PRO A 179 8.65 10.24 -16.77
CA PRO A 179 8.04 11.05 -17.85
C PRO A 179 7.36 10.23 -18.95
N PRO A 180 6.50 10.85 -19.81
CA PRO A 180 5.92 10.18 -20.97
C PRO A 180 6.97 9.54 -21.87
N GLY A 181 6.80 8.22 -22.03
CA GLY A 181 7.64 7.40 -22.91
C GLY A 181 6.91 6.97 -24.18
N LYS A 182 7.65 6.42 -25.16
CA LYS A 182 7.10 6.07 -26.48
C LYS A 182 5.97 5.04 -26.47
N ARG A 183 6.03 3.97 -25.65
CA ARG A 183 4.92 3.02 -25.71
C ARG A 183 3.95 3.04 -24.52
N HIS A 184 3.72 4.23 -23.94
CA HIS A 184 2.81 4.35 -22.82
C HIS A 184 1.38 3.92 -23.12
N ALA A 185 0.77 4.33 -24.24
CA ALA A 185 -0.58 3.91 -24.56
C ALA A 185 -0.79 2.40 -24.76
N GLU A 186 0.20 1.79 -25.43
CA GLU A 186 0.16 0.37 -25.71
C GLU A 186 0.35 -0.43 -24.44
N TYR A 187 1.20 0.04 -23.51
CA TYR A 187 1.37 -0.63 -22.21
C TYR A 187 0.08 -0.54 -21.39
N MET A 188 -0.56 0.65 -21.37
CA MET A 188 -1.84 0.81 -20.70
C MET A 188 -2.92 -0.10 -21.26
N THR A 189 -3.05 -0.24 -22.60
CA THR A 189 -4.02 -1.13 -23.19
C THR A 189 -3.74 -2.59 -22.82
N THR A 190 -2.49 -3.05 -22.86
CA THR A 190 -2.18 -4.43 -22.51
C THR A 190 -2.53 -4.74 -21.06
N LEU A 191 -2.13 -3.83 -20.15
CA LEU A 191 -2.38 -4.02 -18.72
C LEU A 191 -3.86 -4.02 -18.44
N THR A 192 -4.65 -3.16 -19.11
CA THR A 192 -6.08 -3.19 -18.94
C THR A 192 -6.70 -4.53 -19.38
N ARG A 193 -6.24 -5.07 -20.51
CA ARG A 193 -6.73 -6.33 -21.05
C ARG A 193 -6.37 -7.50 -20.11
N MET A 194 -5.15 -7.48 -19.58
CA MET A 194 -4.69 -8.64 -18.82
C MET A 194 -4.97 -8.72 -17.34
N ILE A 195 -5.13 -7.59 -16.61
CA ILE A 195 -5.34 -7.69 -15.19
C ILE A 195 -6.84 -7.87 -14.99
N PRO A 196 -7.34 -8.93 -14.31
CA PRO A 196 -8.77 -9.21 -14.19
C PRO A 196 -9.45 -8.42 -13.06
N ALA A 197 -9.43 -7.10 -13.17
CA ALA A 197 -10.05 -6.25 -12.17
C ALA A 197 -10.07 -4.85 -12.74
N PRO A 198 -10.93 -3.96 -12.28
CA PRO A 198 -11.00 -2.62 -12.85
C PRO A 198 -9.80 -1.70 -12.62
N LEU A 199 -9.46 -0.89 -13.63
CA LEU A 199 -8.47 0.15 -13.51
C LEU A 199 -9.16 1.29 -12.74
N LEU A 200 -8.65 1.58 -11.55
CA LEU A 200 -9.23 2.66 -10.72
C LEU A 200 -8.75 4.08 -11.08
N GLY A 201 -7.68 4.23 -11.86
CA GLY A 201 -7.17 5.55 -12.22
C GLY A 201 -5.69 5.49 -12.56
N GLU A 202 -5.19 6.60 -13.07
CA GLU A 202 -3.79 6.71 -13.42
C GLU A 202 -3.19 7.97 -12.80
N ILE A 203 -2.10 7.86 -12.00
CA ILE A 203 -1.46 9.02 -11.42
C ILE A 203 -0.31 9.42 -12.33
N PRO A 204 -0.25 10.70 -12.75
CA PRO A 204 0.79 11.17 -13.65
C PRO A 204 2.15 11.34 -13.00
N TRP A 205 3.21 11.50 -13.82
CA TRP A 205 4.52 11.81 -13.28
C TRP A 205 4.45 13.21 -12.66
N LEU A 206 4.74 13.30 -11.37
CA LEU A 206 4.70 14.56 -10.65
C LEU A 206 6.05 14.74 -9.99
N ALA A 207 6.97 15.43 -10.65
CA ALA A 207 8.31 15.72 -10.15
C ALA A 207 8.44 16.17 -8.68
N GLU A 208 7.67 17.20 -8.30
CA GLU A 208 7.74 17.70 -6.95
C GLU A 208 6.68 17.10 -6.08
N ASN A 209 7.29 16.31 -5.25
CA ASN A 209 6.67 15.81 -4.01
C ASN A 209 5.26 15.21 -4.01
N PRO A 210 5.05 14.12 -4.74
CA PRO A 210 3.73 13.62 -5.11
C PRO A 210 2.90 13.10 -3.94
N GLU A 211 3.47 13.05 -2.72
CA GLU A 211 2.74 12.63 -1.53
C GLU A 211 1.85 13.77 -1.01
N ASN A 212 2.31 15.00 -1.29
CA ASN A 212 1.67 16.23 -0.85
C ASN A 212 0.70 16.83 -1.86
N ALA A 213 0.81 16.32 -3.10
CA ALA A 213 0.01 16.76 -4.22
C ALA A 213 -1.44 16.34 -4.10
N ALA A 214 -2.31 17.11 -4.75
CA ALA A 214 -3.72 16.80 -4.70
C ALA A 214 -3.96 15.80 -5.79
N THR A 215 -3.95 14.52 -5.46
CA THR A 215 -4.08 13.44 -6.43
C THR A 215 -5.36 12.63 -6.37
N GLY A 216 -6.24 12.91 -5.38
CA GLY A 216 -7.51 12.23 -5.23
C GLY A 216 -8.35 12.22 -6.53
N LYS A 217 -8.28 13.31 -7.32
CA LYS A 217 -9.03 13.46 -8.57
C LYS A 217 -8.70 12.41 -9.64
N TYR A 218 -7.56 11.74 -9.53
CA TYR A 218 -7.17 10.73 -10.50
C TYR A 218 -7.80 9.37 -10.19
N ILE A 219 -8.45 9.16 -9.03
CA ILE A 219 -9.05 7.89 -8.66
C ILE A 219 -10.57 7.94 -8.81
N ASN A 220 -11.16 6.90 -9.40
CA ASN A 220 -12.60 6.84 -9.47
C ASN A 220 -13.03 5.85 -8.41
N LEU A 221 -13.44 6.32 -7.23
CA LEU A 221 -13.76 5.43 -6.11
C LEU A 221 -15.02 4.56 -6.31
N ALA A 222 -15.87 4.97 -7.25
CA ALA A 222 -17.07 4.22 -7.59
C ALA A 222 -16.85 2.81 -8.09
N LEU A 223 -15.60 2.52 -8.49
CA LEU A 223 -15.24 1.21 -9.00
C LEU A 223 -14.78 0.21 -7.94
N LEU A 224 -14.59 0.72 -6.74
CA LEU A 224 -14.21 -0.11 -5.63
C LEU A 224 -15.44 -0.63 -4.92
CA CA B . 8.89 5.50 0.15
C1 DSD C . 12.12 -8.49 -1.08
O1 DSD C . 13.31 -8.64 -1.41
O2 DSD C . 11.19 -8.90 -1.77
C2 DSD C . 11.75 -7.77 0.21
C3 DSD C . 11.84 -6.26 0.05
C4 DSD C . 11.48 -5.48 1.30
C5 DSD C . 11.25 -4.03 0.91
C6 DSD C . 10.96 -3.20 2.15
C7 DSD C . 10.42 -1.79 1.94
C8 DSD C . 11.50 -0.85 1.34
C9 DSD C . 12.70 -0.71 2.28
N7 DSD C . 9.97 -1.30 3.24
C DSD C . 8.80 -0.65 3.42
O DSD C . 7.93 -0.67 2.56
OXT DSD C . 8.63 -0.08 4.50
N8 DSD C . 10.85 0.44 1.14
PB ADP D . 6.62 2.41 -2.50
O1B ADP D . 6.06 1.51 -3.53
O2B ADP D . 5.55 2.69 -1.36
O3B ADP D . 7.86 1.85 -1.91
PA ADP D . 6.82 5.30 -2.95
O1A ADP D . 7.47 5.60 -1.68
O2A ADP D . 5.37 5.63 -2.97
O3A ADP D . 6.97 3.75 -3.26
O5' ADP D . 7.55 6.04 -4.16
C5' ADP D . 8.93 5.72 -4.38
C4' ADP D . 9.64 6.92 -4.99
O4' ADP D . 9.12 7.16 -6.30
C3' ADP D . 9.42 8.17 -4.15
O3' ADP D . 10.66 8.88 -4.12
C2' ADP D . 8.36 8.93 -4.92
O2' ADP D . 8.42 10.37 -4.76
C1' ADP D . 8.60 8.51 -6.37
N9 ADP D . 7.33 8.48 -7.16
C8 ADP D . 6.34 7.58 -6.99
N7 ADP D . 5.32 7.95 -7.74
C5 ADP D . 5.63 9.05 -8.38
C6 ADP D . 4.96 9.87 -9.28
N6 ADP D . 3.76 9.57 -9.71
N1 ADP D . 5.59 10.96 -9.79
C2 ADP D . 6.86 11.25 -9.41
N3 ADP D . 7.51 10.49 -8.54
C4 ADP D . 6.94 9.38 -8.01
#